data_9P4Y
#
_entry.id   9P4Y
#
loop_
_entity.id
_entity.type
_entity.pdbx_description
1 polymer 'Excitatory amino acid transporter 3'
2 non-polymer (4R)-8-bromo-2-(furan-2-yl)-N-(2-methylphenyl)imidazo[1,2-a]pyridin-3-amine
3 non-polymer (3beta,14beta,17beta,25R)-3-[4-methoxy-3-(methoxymethyl)butoxy]spirost-5-en
4 non-polymer CHOLESTEROL
5 water water
#
_entity_poly.entity_id   1
_entity_poly.type   'polypeptide(L)'
_entity_poly.pdbx_seq_one_letter_code
;GPMGKPARKGCEWKRFLKNNWVLLSTVAAVVLGITTGVLVREHSNLSTLEKFYFAFPGEILMRMLKLIILPLIISSMITG
VAALDSNVSGKIGLRAVVYYFCTTLIAVILGIVLVVSIKPGVTQKVGEIARTGSTPEVSTVDAMLDLIRNMFPENLVQAC
FQQYKTKREEVKPPSDPEMTMTEESFTAVMTTAISKTKTKEYKIVGMYSDGINVLGLIVFCLVFGLVIGKMGEKGQILVD
FFNALSDATMKIVQIIMCYMPLGILFLIAGKIIEVEDWEIFRKLGLYMATVLTGLAIHSIVILPLIYFIVVRKNPFRFAM
GMAQALLTALMISSSSATLPVTFRCAEENNQVDKRITRFVLPVGATINMDGTALYEAVAAVFIAQLNDLDLGIGQIITIS
ITATSASIGAAGVPQAGLVTMVIVLSAVGLPAEDVTLIIAVDWLLDRFRTMVNVLGDAFGTGIVEKLSKKELEQMDVSSE
VNIVNPFALESTILDNEDSDTKKSYVNGGFAVDKSDTISFTQTSQF
;
_entity_poly.pdbx_strand_id   A
#
loop_
_chem_comp.id
_chem_comp.type
_chem_comp.name
_chem_comp.formula
9Z9 non-polymer (3beta,14beta,17beta,25R)-3-[4-methoxy-3-(methoxymethyl)butoxy]spirost-5-en 'C34 H56 O5'
A1CG9 non-polymer (4R)-8-bromo-2-(furan-2-yl)-N-(2-methylphenyl)imidazo[1,2-a]pyridin-3-amine 'C18 H14 Br N3 O'
CLR non-polymer CHOLESTEROL 'C27 H46 O'
#
# COMPACT_ATOMS: atom_id res chain seq x y z
N TRP A 21 -17.50 -0.69 12.64
CA TRP A 21 -17.14 -1.58 13.73
C TRP A 21 -15.67 -1.95 13.64
N VAL A 22 -15.11 -1.86 12.44
CA VAL A 22 -13.71 -2.25 12.23
C VAL A 22 -12.79 -1.26 12.93
N LEU A 23 -13.14 0.03 12.92
CA LEU A 23 -12.29 1.03 13.55
C LEU A 23 -12.31 0.88 15.06
N LEU A 24 -13.51 0.77 15.65
CA LEU A 24 -13.61 0.68 17.10
C LEU A 24 -13.00 -0.63 17.60
N SER A 25 -13.23 -1.73 16.87
CA SER A 25 -12.68 -3.02 17.29
C SER A 25 -11.15 -3.00 17.23
N THR A 26 -10.59 -2.43 16.17
CA THR A 26 -9.13 -2.33 16.07
C THR A 26 -8.56 -1.42 17.14
N VAL A 27 -9.22 -0.29 17.39
CA VAL A 27 -8.75 0.63 18.43
C VAL A 27 -8.83 -0.03 19.80
N ALA A 28 -9.94 -0.72 20.08
CA ALA A 28 -10.09 -1.38 21.36
C ALA A 28 -9.05 -2.48 21.54
N ALA A 29 -8.76 -3.23 20.48
CA ALA A 29 -7.74 -4.27 20.57
C ALA A 29 -6.38 -3.68 20.89
N VAL A 30 -6.02 -2.57 20.27
CA VAL A 30 -4.76 -1.90 20.58
C VAL A 30 -4.76 -1.40 22.02
N VAL A 31 -5.87 -0.78 22.45
CA VAL A 31 -5.96 -0.29 23.82
C VAL A 31 -5.92 -1.45 24.80
N LEU A 32 -6.68 -2.50 24.51
CA LEU A 32 -6.70 -3.67 25.39
C LEU A 32 -5.39 -4.45 25.31
N GLY A 33 -4.77 -4.50 24.13
CA GLY A 33 -3.47 -5.14 24.00
C GLY A 33 -2.40 -4.45 24.82
N ILE A 34 -2.39 -3.12 24.80
CA ILE A 34 -1.46 -2.37 25.62
C ILE A 34 -1.77 -2.58 27.10
N THR A 35 -3.05 -2.53 27.46
CA THR A 35 -3.43 -2.76 28.86
C THR A 35 -3.02 -4.16 29.31
N THR A 36 -3.29 -5.16 28.48
CA THR A 36 -2.88 -6.52 28.82
C THR A 36 -1.37 -6.64 28.88
N GLY A 37 -0.67 -6.00 27.95
CA GLY A 37 0.78 -6.14 27.89
C GLY A 37 1.48 -5.61 29.13
N VAL A 38 1.06 -4.44 29.60
CA VAL A 38 1.74 -3.83 30.74
C VAL A 38 1.34 -4.50 32.04
N LEU A 39 0.12 -5.04 32.13
CA LEU A 39 -0.28 -5.74 33.34
C LEU A 39 0.42 -7.09 33.45
N VAL A 40 0.46 -7.85 32.35
CA VAL A 40 1.16 -9.12 32.36
C VAL A 40 2.66 -8.91 32.51
N ARG A 41 3.17 -7.79 32.01
CA ARG A 41 4.64 -7.51 32.04
C ARG A 41 5.09 -7.32 33.49
N GLU A 42 4.26 -6.71 34.35
CA GLU A 42 4.62 -6.43 35.74
C GLU A 42 4.04 -7.44 36.72
N HIS A 43 2.74 -7.70 36.63
CA HIS A 43 2.07 -8.55 37.61
C HIS A 43 2.41 -10.03 37.44
N SER A 44 3.23 -10.41 36.48
CA SER A 44 3.56 -11.82 36.29
C SER A 44 4.91 -11.93 35.60
N ASN A 45 5.78 -12.78 36.15
CA ASN A 45 7.05 -13.10 35.53
C ASN A 45 6.85 -14.26 34.57
N LEU A 46 7.16 -14.04 33.29
CA LEU A 46 6.98 -15.04 32.24
C LEU A 46 8.34 -15.40 31.64
N SER A 47 8.59 -16.70 31.49
CA SER A 47 9.81 -17.14 30.85
C SER A 47 9.75 -16.88 29.35
N THR A 48 10.88 -17.14 28.68
CA THR A 48 10.94 -16.92 27.24
C THR A 48 9.96 -17.81 26.49
N LEU A 49 9.81 -19.05 26.94
CA LEU A 49 8.88 -19.97 26.29
C LEU A 49 7.44 -19.51 26.47
N GLU A 50 7.07 -19.10 27.69
CA GLU A 50 5.69 -18.66 27.93
C GLU A 50 5.36 -17.39 27.16
N LYS A 51 6.34 -16.49 26.98
CA LYS A 51 6.09 -15.29 26.19
C LYS A 51 5.75 -15.65 24.74
N PHE A 52 6.45 -16.64 24.18
CA PHE A 52 6.14 -17.08 22.83
C PHE A 52 4.74 -17.69 22.77
N TYR A 53 4.38 -18.49 23.78
CA TYR A 53 3.05 -19.09 23.81
C TYR A 53 1.97 -18.03 24.01
N PHE A 54 2.28 -16.98 24.75
CA PHE A 54 1.29 -15.92 24.98
C PHE A 54 0.86 -15.26 23.68
N ALA A 55 1.77 -15.13 22.72
CA ALA A 55 1.49 -14.50 21.45
C ALA A 55 1.01 -15.47 20.40
N PHE A 56 0.63 -16.69 20.78
CA PHE A 56 0.15 -17.66 19.79
C PHE A 56 -1.09 -17.18 19.06
N PRO A 57 -2.12 -16.62 19.73
CA PRO A 57 -3.27 -16.12 18.96
C PRO A 57 -2.90 -15.05 17.95
N GLY A 58 -1.93 -14.20 18.30
CA GLY A 58 -1.42 -13.23 17.33
C GLY A 58 -0.65 -13.88 16.20
N GLU A 59 0.12 -14.93 16.52
CA GLU A 59 0.86 -15.65 15.48
C GLU A 59 -0.09 -16.31 14.49
N ILE A 60 -1.20 -16.85 15.00
CA ILE A 60 -2.16 -17.50 14.13
C ILE A 60 -2.82 -16.49 13.20
N LEU A 61 -3.04 -15.26 13.70
CA LEU A 61 -3.60 -14.22 12.84
C LEU A 61 -2.66 -13.93 11.67
N MET A 62 -1.35 -13.90 11.93
CA MET A 62 -0.39 -13.64 10.87
C MET A 62 -0.36 -14.76 9.84
N ARG A 63 -0.62 -16.00 10.25
CA ARG A 63 -0.70 -17.10 9.30
C ARG A 63 -1.90 -16.96 8.36
N MET A 64 -3.06 -16.54 8.89
CA MET A 64 -4.22 -16.32 8.04
C MET A 64 -3.97 -15.21 7.04
N LEU A 65 -3.32 -14.13 7.47
CA LEU A 65 -3.07 -13.01 6.57
C LEU A 65 -2.13 -13.44 5.44
N LYS A 66 -1.09 -14.20 5.75
CA LYS A 66 -0.20 -14.68 4.71
C LYS A 66 -0.88 -15.72 3.83
N LEU A 67 -1.82 -16.49 4.40
CA LEU A 67 -2.52 -17.51 3.64
C LEU A 67 -3.35 -16.90 2.51
N ILE A 68 -3.99 -15.75 2.78
CA ILE A 68 -4.89 -15.15 1.81
C ILE A 68 -4.19 -14.26 0.80
N ILE A 69 -2.88 -14.04 0.95
CA ILE A 69 -2.17 -13.15 0.03
C ILE A 69 -2.23 -13.68 -1.39
N LEU A 70 -1.93 -14.97 -1.57
CA LEU A 70 -1.83 -15.52 -2.91
C LEU A 70 -3.13 -15.46 -3.69
N PRO A 71 -4.26 -15.94 -3.18
CA PRO A 71 -5.50 -15.84 -3.96
C PRO A 71 -6.00 -14.41 -4.09
N LEU A 72 -5.67 -13.54 -3.13
CA LEU A 72 -6.17 -12.17 -3.18
C LEU A 72 -5.50 -11.39 -4.32
N ILE A 73 -4.17 -11.42 -4.38
CA ILE A 73 -3.47 -10.61 -5.37
C ILE A 73 -3.68 -11.16 -6.78
N ILE A 74 -3.75 -12.48 -6.92
CA ILE A 74 -3.92 -13.05 -8.25
C ILE A 74 -5.31 -12.72 -8.80
N SER A 75 -6.34 -12.95 -8.00
CA SER A 75 -7.71 -12.73 -8.46
C SER A 75 -8.01 -11.25 -8.61
N SER A 76 -7.54 -10.44 -7.66
CA SER A 76 -7.81 -9.00 -7.72
C SER A 76 -7.06 -8.38 -8.89
N MET A 77 -5.83 -8.81 -9.10
CA MET A 77 -5.04 -8.26 -10.19
C MET A 77 -5.64 -8.61 -11.54
N ILE A 78 -6.11 -9.85 -11.71
CA ILE A 78 -6.71 -10.25 -12.98
C ILE A 78 -8.05 -9.54 -13.17
N THR A 79 -8.87 -9.49 -12.12
CA THR A 79 -10.21 -8.95 -12.23
C THR A 79 -10.20 -7.46 -12.58
N GLY A 80 -9.34 -6.68 -11.92
CA GLY A 80 -9.31 -5.25 -12.20
C GLY A 80 -8.81 -4.96 -13.60
N VAL A 81 -7.77 -5.66 -14.04
CA VAL A 81 -7.19 -5.43 -15.36
C VAL A 81 -8.13 -5.92 -16.47
N ALA A 82 -8.78 -7.06 -16.26
CA ALA A 82 -9.62 -7.64 -17.30
C ALA A 82 -10.83 -6.79 -17.66
N ALA A 83 -11.24 -5.87 -16.80
CA ALA A 83 -12.40 -5.04 -17.06
C ALA A 83 -12.06 -3.71 -17.71
N LEU A 84 -10.80 -3.47 -18.06
CA LEU A 84 -10.42 -2.18 -18.64
C LEU A 84 -11.03 -2.01 -20.03
N ASP A 85 -11.56 -0.83 -20.27
CA ASP A 85 -12.17 -0.46 -21.54
C ASP A 85 -11.19 0.37 -22.37
N SER A 86 -11.66 0.91 -23.49
CA SER A 86 -10.81 1.71 -24.36
C SER A 86 -10.67 3.15 -23.88
N ASN A 87 -11.42 3.57 -22.86
CA ASN A 87 -11.31 4.94 -22.37
C ASN A 87 -9.92 5.18 -21.76
N VAL A 88 -9.35 4.17 -21.11
CA VAL A 88 -8.03 4.34 -20.50
C VAL A 88 -6.99 4.63 -21.58
N SER A 89 -7.12 3.99 -22.74
CA SER A 89 -6.20 4.24 -23.85
C SER A 89 -6.44 5.59 -24.51
N GLY A 90 -7.53 6.28 -24.19
CA GLY A 90 -7.80 7.56 -24.80
C GLY A 90 -6.90 8.67 -24.28
N LYS A 91 -7.04 9.84 -24.90
CA LYS A 91 -6.20 10.97 -24.52
C LYS A 91 -6.48 11.41 -23.08
N ILE A 92 -7.75 11.41 -22.68
CA ILE A 92 -8.09 11.75 -21.31
C ILE A 92 -7.51 10.72 -20.35
N GLY A 93 -7.66 9.44 -20.66
CA GLY A 93 -7.14 8.40 -19.79
C GLY A 93 -5.63 8.39 -19.73
N LEU A 94 -4.97 8.62 -20.87
CA LEU A 94 -3.51 8.62 -20.89
C LEU A 94 -2.95 9.76 -20.05
N ARG A 95 -3.58 10.94 -20.11
CA ARG A 95 -3.12 12.06 -19.31
C ARG A 95 -3.26 11.77 -17.82
N ALA A 96 -4.36 11.12 -17.41
CA ALA A 96 -4.52 10.76 -16.01
C ALA A 96 -3.46 9.77 -15.56
N VAL A 97 -3.17 8.77 -16.39
CA VAL A 97 -2.16 7.77 -16.03
C VAL A 97 -0.78 8.41 -15.92
N VAL A 98 -0.45 9.31 -16.85
CA VAL A 98 0.83 10.01 -16.78
C VAL A 98 0.91 10.87 -15.52
N TYR A 99 -0.18 11.55 -15.18
CA TYR A 99 -0.19 12.38 -13.98
C TYR A 99 0.05 11.54 -12.73
N TYR A 100 -0.64 10.41 -12.60
CA TYR A 100 -0.50 9.58 -11.42
C TYR A 100 0.88 8.95 -11.35
N PHE A 101 1.51 8.68 -12.49
CA PHE A 101 2.88 8.20 -12.48
C PHE A 101 3.83 9.25 -11.93
N CYS A 102 3.69 10.50 -12.38
CA CYS A 102 4.60 11.54 -11.95
C CYS A 102 4.45 11.85 -10.47
N THR A 103 3.21 11.90 -9.97
CA THR A 103 3.02 12.21 -8.56
C THR A 103 3.44 11.04 -7.66
N THR A 104 3.21 9.80 -8.13
CA THR A 104 3.69 8.65 -7.38
C THR A 104 5.22 8.60 -7.37
N LEU A 105 5.85 8.94 -8.51
CA LEU A 105 7.30 8.94 -8.58
C LEU A 105 7.88 9.97 -7.62
N ILE A 106 7.28 11.15 -7.55
CA ILE A 106 7.73 12.16 -6.62
C ILE A 106 7.52 11.68 -5.18
N ALA A 107 6.39 11.04 -4.91
CA ALA A 107 6.12 10.53 -3.58
C ALA A 107 7.09 9.40 -3.21
N VAL A 108 7.44 8.56 -4.18
CA VAL A 108 8.40 7.49 -3.91
C VAL A 108 9.75 8.08 -3.51
N ILE A 109 10.21 9.09 -4.25
CA ILE A 109 11.46 9.74 -3.92
C ILE A 109 11.36 10.44 -2.56
N LEU A 110 10.25 11.15 -2.34
CA LEU A 110 10.09 11.87 -1.08
C LEU A 110 10.05 10.90 0.11
N GLY A 111 9.33 9.78 -0.03
CA GLY A 111 9.30 8.82 1.06
C GLY A 111 10.65 8.19 1.34
N ILE A 112 11.40 7.86 0.29
CA ILE A 112 12.72 7.29 0.47
C ILE A 112 13.66 8.29 1.11
N VAL A 113 13.62 9.54 0.66
CA VAL A 113 14.53 10.55 1.18
C VAL A 113 14.28 10.77 2.66
N LEU A 114 13.01 10.86 3.07
CA LEU A 114 12.69 11.13 4.46
C LEU A 114 13.09 9.97 5.37
N VAL A 115 12.73 8.75 4.97
CA VAL A 115 13.04 7.60 5.82
C VAL A 115 14.54 7.36 5.90
N VAL A 116 15.26 7.64 4.81
CA VAL A 116 16.72 7.52 4.82
C VAL A 116 17.36 8.61 5.65
N SER A 117 16.83 9.84 5.57
CA SER A 117 17.43 10.95 6.31
C SER A 117 17.08 10.89 7.79
N ILE A 118 15.79 10.75 8.10
CA ILE A 118 15.37 10.70 9.50
C ILE A 118 15.86 9.42 10.15
N LYS A 119 15.86 8.32 9.39
CA LYS A 119 16.26 6.99 9.95
C LYS A 119 15.49 6.70 11.24
N PRO A 120 14.16 6.49 11.19
CA PRO A 120 13.36 6.32 12.41
C PRO A 120 13.71 5.12 13.31
N GLY A 121 13.89 3.92 12.76
CA GLY A 121 14.12 2.72 13.59
C GLY A 121 15.58 2.30 13.60
N VAL A 122 16.50 3.27 13.64
CA VAL A 122 17.93 2.98 13.53
C VAL A 122 18.56 3.24 14.88
N THR A 123 19.28 2.25 15.40
CA THR A 123 19.95 2.34 16.70
C THR A 123 19.10 3.06 17.73
N SER A 139 25.39 -5.08 -4.18
CA SER A 139 25.54 -4.05 -5.20
C SER A 139 24.18 -3.54 -5.66
N THR A 140 24.13 -2.29 -6.12
CA THR A 140 22.87 -1.73 -6.60
C THR A 140 22.48 -2.34 -7.93
N VAL A 141 23.45 -2.59 -8.80
CA VAL A 141 23.13 -3.15 -10.12
C VAL A 141 22.48 -4.52 -9.97
N ASP A 142 23.03 -5.37 -9.10
CA ASP A 142 22.44 -6.70 -8.93
C ASP A 142 21.04 -6.61 -8.33
N ALA A 143 20.82 -5.67 -7.40
CA ALA A 143 19.50 -5.53 -6.80
C ALA A 143 18.47 -5.08 -7.84
N MET A 144 18.85 -4.16 -8.73
CA MET A 144 17.92 -3.73 -9.77
C MET A 144 17.75 -4.82 -10.82
N LEU A 145 18.83 -5.54 -11.14
CA LEU A 145 18.70 -6.64 -12.07
C LEU A 145 17.86 -7.78 -11.49
N ASP A 146 17.98 -8.00 -10.16
CA ASP A 146 17.13 -8.98 -9.51
C ASP A 146 15.67 -8.56 -9.53
N LEU A 147 15.40 -7.25 -9.52
CA LEU A 147 14.03 -6.78 -9.62
C LEU A 147 13.42 -7.18 -10.95
N ILE A 148 14.17 -7.02 -12.04
CA ILE A 148 13.67 -7.43 -13.35
C ILE A 148 13.58 -8.94 -13.45
N ARG A 149 14.53 -9.65 -12.85
CA ARG A 149 14.48 -11.11 -12.88
C ARG A 149 13.25 -11.65 -12.16
N ASN A 150 12.95 -11.10 -10.99
CA ASN A 150 11.74 -11.49 -10.29
C ASN A 150 10.48 -10.98 -10.98
N MET A 151 10.60 -9.91 -11.78
CA MET A 151 9.46 -9.44 -12.55
C MET A 151 9.03 -10.47 -13.59
N PHE A 152 9.95 -11.35 -14.01
CA PHE A 152 9.65 -12.45 -14.92
C PHE A 152 10.15 -13.75 -14.31
N PRO A 153 9.38 -14.35 -13.42
CA PRO A 153 9.82 -15.59 -12.78
C PRO A 153 9.93 -16.74 -13.78
N GLU A 154 10.84 -17.67 -13.48
CA GLU A 154 11.03 -18.81 -14.36
C GLU A 154 9.96 -19.89 -14.19
N ASN A 155 9.20 -19.86 -13.09
CA ASN A 155 8.15 -20.84 -12.86
C ASN A 155 7.03 -20.15 -12.10
N LEU A 156 5.79 -20.27 -12.61
CA LEU A 156 4.66 -19.61 -11.97
C LEU A 156 4.32 -20.21 -10.62
N VAL A 157 4.36 -21.53 -10.50
CA VAL A 157 4.04 -22.16 -9.22
C VAL A 157 5.10 -21.80 -8.17
N GLN A 158 6.38 -21.85 -8.55
CA GLN A 158 7.43 -21.47 -7.61
C GLN A 158 7.35 -20.01 -7.24
N ALA A 159 6.86 -19.15 -8.14
CA ALA A 159 6.73 -17.73 -7.83
C ALA A 159 5.75 -17.49 -6.69
N CYS A 160 4.92 -18.47 -6.37
CA CYS A 160 3.97 -18.31 -5.27
C CYS A 160 4.65 -18.38 -3.92
N PHE A 161 5.85 -18.97 -3.83
CA PHE A 161 6.54 -19.10 -2.56
C PHE A 161 8.04 -18.89 -2.63
N GLN A 162 8.61 -18.53 -3.79
CA GLN A 162 10.05 -18.38 -3.93
C GLN A 162 10.39 -17.09 -4.66
N GLN A 163 11.54 -16.53 -4.32
CA GLN A 163 12.05 -15.32 -4.96
C GLN A 163 13.49 -15.58 -5.41
N TYR A 164 13.91 -14.82 -6.42
CA TYR A 164 15.22 -14.99 -7.03
C TYR A 164 16.18 -13.90 -6.56
N LYS A 165 17.38 -14.31 -6.16
CA LYS A 165 18.42 -13.38 -5.74
C LYS A 165 19.74 -13.77 -6.37
N THR A 166 20.56 -12.77 -6.70
CA THR A 166 21.86 -12.98 -7.31
C THR A 166 22.93 -12.35 -6.44
N LYS A 167 24.06 -13.05 -6.30
CA LYS A 167 25.19 -12.61 -5.50
C LYS A 167 26.48 -12.82 -6.28
N ARG A 168 27.35 -11.81 -6.29
CA ARG A 168 28.59 -11.90 -7.03
C ARG A 168 29.55 -12.85 -6.34
N GLU A 169 30.22 -13.67 -7.12
CA GLU A 169 31.16 -14.67 -6.61
C GLU A 169 32.48 -14.53 -7.34
N GLU A 170 33.56 -14.92 -6.67
CA GLU A 170 34.89 -14.83 -7.25
C GLU A 170 35.43 -16.23 -7.56
N GLU A 201 36.63 -11.34 -13.16
CA GLU A 201 37.09 -12.04 -11.97
C GLU A 201 35.94 -12.28 -11.00
N TYR A 202 34.78 -11.71 -11.31
CA TYR A 202 33.57 -11.90 -10.51
C TYR A 202 32.46 -12.47 -11.37
N LYS A 203 31.71 -13.41 -10.81
CA LYS A 203 30.61 -14.06 -11.52
C LYS A 203 29.34 -14.01 -10.67
N ILE A 204 28.21 -14.06 -11.35
CA ILE A 204 26.89 -13.92 -10.73
C ILE A 204 26.28 -15.30 -10.55
N VAL A 205 25.76 -15.57 -9.35
CA VAL A 205 25.15 -16.84 -9.01
C VAL A 205 23.77 -16.57 -8.44
N GLY A 206 22.76 -17.29 -8.95
CA GLY A 206 21.41 -17.20 -8.46
C GLY A 206 21.08 -18.28 -7.46
N MET A 207 20.07 -18.03 -6.63
CA MET A 207 19.78 -18.92 -5.51
C MET A 207 18.32 -19.39 -5.45
N TYR A 208 17.37 -18.54 -5.80
CA TYR A 208 15.93 -18.84 -5.65
C TYR A 208 15.59 -19.15 -4.19
N SER A 209 15.74 -18.13 -3.35
CA SER A 209 15.40 -18.22 -1.94
C SER A 209 13.89 -18.17 -1.73
N ASP A 210 13.47 -18.45 -0.50
CA ASP A 210 12.05 -18.47 -0.16
C ASP A 210 11.49 -17.06 -0.05
N GLY A 211 10.16 -16.97 -0.09
CA GLY A 211 9.47 -15.68 -0.04
C GLY A 211 8.63 -15.50 -1.29
N ILE A 212 7.36 -15.19 -1.10
CA ILE A 212 6.44 -15.09 -2.23
C ILE A 212 6.90 -13.99 -3.16
N ASN A 213 6.93 -14.30 -4.46
CA ASN A 213 7.35 -13.34 -5.48
C ASN A 213 6.13 -12.56 -5.93
N VAL A 214 5.84 -11.47 -5.23
CA VAL A 214 4.67 -10.65 -5.53
C VAL A 214 4.84 -9.94 -6.87
N LEU A 215 6.04 -9.42 -7.14
CA LEU A 215 6.25 -8.69 -8.39
C LEU A 215 6.05 -9.60 -9.59
N GLY A 216 6.53 -10.84 -9.51
CA GLY A 216 6.33 -11.76 -10.62
C GLY A 216 4.87 -12.13 -10.81
N LEU A 217 4.16 -12.35 -9.71
CA LEU A 217 2.74 -12.68 -9.81
C LEU A 217 1.94 -11.48 -10.33
N ILE A 218 2.23 -10.28 -9.84
CA ILE A 218 1.50 -9.09 -10.28
C ILE A 218 1.73 -8.85 -11.76
N VAL A 219 2.98 -9.00 -12.22
CA VAL A 219 3.28 -8.75 -13.62
C VAL A 219 2.55 -9.75 -14.50
N PHE A 220 2.59 -11.03 -14.14
CA PHE A 220 1.92 -12.03 -14.96
C PHE A 220 0.41 -11.83 -14.93
N CYS A 221 -0.16 -11.53 -13.77
CA CYS A 221 -1.59 -11.30 -13.69
C CYS A 221 -2.02 -10.07 -14.48
N LEU A 222 -1.12 -9.08 -14.61
CA LEU A 222 -1.42 -7.93 -15.46
C LEU A 222 -1.47 -8.34 -16.93
N VAL A 223 -0.46 -9.08 -17.38
CA VAL A 223 -0.44 -9.54 -18.77
C VAL A 223 -1.59 -10.52 -19.01
N PHE A 224 -1.81 -11.44 -18.07
CA PHE A 224 -2.91 -12.39 -18.20
C PHE A 224 -4.26 -11.69 -18.19
N GLY A 225 -4.44 -10.69 -17.32
CA GLY A 225 -5.70 -9.96 -17.28
C GLY A 225 -5.96 -9.17 -18.55
N LEU A 226 -4.92 -8.56 -19.13
CA LEU A 226 -5.10 -7.83 -20.38
C LEU A 226 -5.48 -8.76 -21.51
N VAL A 227 -4.87 -9.95 -21.56
CA VAL A 227 -5.13 -10.86 -22.67
C VAL A 227 -6.57 -11.36 -22.61
N ILE A 228 -7.02 -11.79 -21.43
CA ILE A 228 -8.37 -12.35 -21.32
C ILE A 228 -9.43 -11.26 -21.46
N GLY A 229 -9.10 -10.02 -21.13
CA GLY A 229 -10.03 -8.93 -21.33
C GLY A 229 -10.31 -8.66 -22.80
N LYS A 230 -9.29 -8.81 -23.64
CA LYS A 230 -9.37 -8.47 -25.04
C LYS A 230 -9.79 -9.61 -25.95
N MET A 231 -9.93 -10.84 -25.45
CA MET A 231 -10.35 -11.92 -26.33
C MET A 231 -11.86 -12.13 -26.33
N GLY A 232 -12.61 -11.27 -25.65
CA GLY A 232 -14.06 -11.30 -25.79
C GLY A 232 -14.67 -12.52 -25.14
N GLU A 233 -15.66 -13.10 -25.82
CA GLU A 233 -16.39 -14.21 -25.23
C GLU A 233 -15.52 -15.46 -25.05
N LYS A 234 -14.43 -15.58 -25.81
CA LYS A 234 -13.57 -16.74 -25.66
C LYS A 234 -12.95 -16.78 -24.27
N GLY A 235 -12.54 -15.62 -23.75
CA GLY A 235 -11.97 -15.57 -22.42
C GLY A 235 -12.93 -15.07 -21.36
N GLN A 236 -14.23 -15.07 -21.66
CA GLN A 236 -15.22 -14.61 -20.69
C GLN A 236 -15.29 -15.55 -19.50
N ILE A 237 -15.09 -16.86 -19.73
CA ILE A 237 -15.13 -17.81 -18.63
C ILE A 237 -13.98 -17.55 -17.67
N LEU A 238 -12.82 -17.13 -18.19
CA LEU A 238 -11.71 -16.78 -17.31
C LEU A 238 -12.00 -15.51 -16.53
N VAL A 239 -12.63 -14.52 -17.17
CA VAL A 239 -13.02 -13.30 -16.46
C VAL A 239 -14.04 -13.63 -15.38
N ASP A 240 -15.02 -14.46 -15.70
CA ASP A 240 -16.02 -14.87 -14.73
C ASP A 240 -15.40 -15.68 -13.60
N PHE A 241 -14.47 -16.57 -13.93
CA PHE A 241 -13.85 -17.42 -12.92
C PHE A 241 -13.08 -16.59 -11.89
N PHE A 242 -12.30 -15.62 -12.36
CA PHE A 242 -11.50 -14.82 -11.45
C PHE A 242 -12.31 -13.70 -10.82
N ASN A 243 -13.49 -13.38 -11.36
CA ASN A 243 -14.39 -12.47 -10.68
C ASN A 243 -14.99 -13.13 -9.44
N ALA A 244 -15.45 -14.37 -9.58
CA ALA A 244 -16.00 -15.08 -8.44
C ALA A 244 -14.90 -15.40 -7.43
N LEU A 245 -13.71 -15.74 -7.91
CA LEU A 245 -12.60 -16.01 -7.02
C LEU A 245 -12.20 -14.76 -6.24
N SER A 246 -12.23 -13.60 -6.90
CA SER A 246 -11.97 -12.35 -6.20
C SER A 246 -13.02 -12.07 -5.14
N ASP A 247 -14.29 -12.30 -5.47
CA ASP A 247 -15.36 -12.10 -4.50
C ASP A 247 -15.24 -13.08 -3.35
N ALA A 248 -14.91 -14.34 -3.64
CA ALA A 248 -14.74 -15.34 -2.59
C ALA A 248 -13.59 -14.96 -1.66
N THR A 249 -12.48 -14.50 -2.23
CA THR A 249 -11.35 -14.11 -1.40
C THR A 249 -11.67 -12.90 -0.54
N MET A 250 -12.50 -11.98 -1.03
CA MET A 250 -12.90 -10.84 -0.21
C MET A 250 -13.71 -11.29 0.99
N LYS A 251 -14.60 -12.26 0.80
CA LYS A 251 -15.39 -12.76 1.92
C LYS A 251 -14.50 -13.45 2.95
N ILE A 252 -13.49 -14.20 2.48
CA ILE A 252 -12.59 -14.86 3.40
C ILE A 252 -11.77 -13.83 4.16
N VAL A 253 -11.34 -12.77 3.47
CA VAL A 253 -10.64 -11.69 4.16
C VAL A 253 -11.54 -11.06 5.22
N GLN A 254 -12.82 -10.90 4.89
CA GLN A 254 -13.78 -10.37 5.86
C GLN A 254 -13.90 -11.28 7.07
N ILE A 255 -13.90 -12.60 6.84
CA ILE A 255 -13.97 -13.55 7.95
C ILE A 255 -12.72 -13.44 8.81
N ILE A 256 -11.57 -13.26 8.17
CA ILE A 256 -10.32 -13.12 8.91
C ILE A 256 -10.35 -11.84 9.76
N MET A 257 -10.90 -10.76 9.22
CA MET A 257 -10.98 -9.51 9.98
C MET A 257 -11.84 -9.64 11.22
N CYS A 258 -12.75 -10.62 11.27
CA CYS A 258 -13.52 -10.86 12.50
C CYS A 258 -12.62 -11.36 13.61
N TYR A 259 -11.57 -12.12 13.26
CA TYR A 259 -10.61 -12.65 14.27
C TYR A 259 -9.47 -11.66 14.51
N MET A 260 -9.28 -10.72 13.59
CA MET A 260 -8.12 -9.78 13.68
C MET A 260 -8.08 -9.10 15.07
N PRO A 261 -9.16 -8.51 15.62
CA PRO A 261 -9.08 -7.81 16.90
C PRO A 261 -8.47 -8.67 18.02
N LEU A 262 -8.90 -9.93 18.13
CA LEU A 262 -8.32 -10.86 19.15
C LEU A 262 -6.85 -11.11 18.81
N GLY A 263 -6.51 -11.31 17.53
CA GLY A 263 -5.12 -11.47 17.17
C GLY A 263 -4.30 -10.23 17.44
N ILE A 264 -4.87 -9.05 17.20
CA ILE A 264 -4.15 -7.80 17.47
C ILE A 264 -3.91 -7.65 18.96
N LEU A 265 -4.86 -8.09 19.78
CA LEU A 265 -4.72 -7.95 21.22
C LEU A 265 -3.49 -8.70 21.72
N PHE A 266 -3.26 -9.91 21.21
CA PHE A 266 -2.12 -10.70 21.67
C PHE A 266 -0.84 -10.34 20.93
N LEU A 267 -0.96 -9.82 19.70
CA LEU A 267 0.21 -9.31 19.01
C LEU A 267 0.76 -8.08 19.72
N ILE A 268 -0.11 -7.15 20.10
CA ILE A 268 0.33 -5.95 20.79
C ILE A 268 0.81 -6.30 22.19
N ALA A 269 0.03 -7.09 22.92
CA ALA A 269 0.43 -7.48 24.27
C ALA A 269 1.71 -8.29 24.25
N GLY A 270 1.83 -9.21 23.29
CA GLY A 270 3.04 -9.99 23.19
C GLY A 270 4.26 -9.15 22.90
N LYS A 271 4.08 -8.06 22.14
CA LYS A 271 5.20 -7.18 21.83
C LYS A 271 5.56 -6.30 23.04
N ILE A 272 4.55 -5.86 23.80
CA ILE A 272 4.81 -5.06 24.99
C ILE A 272 5.55 -5.90 26.04
N ILE A 273 5.21 -7.18 26.16
CA ILE A 273 5.84 -8.03 27.16
C ILE A 273 7.28 -8.31 26.78
N GLU A 274 7.55 -8.57 25.50
CA GLU A 274 8.87 -9.06 25.09
C GLU A 274 9.93 -7.97 25.08
N VAL A 275 9.53 -6.71 25.01
CA VAL A 275 10.52 -5.63 24.96
C VAL A 275 11.11 -5.41 26.34
N GLU A 276 12.38 -5.05 26.39
CA GLU A 276 13.05 -4.75 27.65
C GLU A 276 13.23 -3.27 27.91
N ASP A 277 13.38 -2.46 26.86
CA ASP A 277 13.51 -1.01 26.99
C ASP A 277 12.47 -0.32 26.12
N TRP A 278 12.06 0.87 26.56
CA TRP A 278 11.06 1.66 25.84
C TRP A 278 11.68 2.51 24.74
N GLU A 279 12.90 2.19 24.29
CA GLU A 279 13.51 2.97 23.22
C GLU A 279 12.82 2.73 21.89
N ILE A 280 12.19 1.57 21.73
CA ILE A 280 11.48 1.28 20.50
C ILE A 280 10.28 2.20 20.35
N PHE A 281 9.72 2.67 21.47
CA PHE A 281 8.57 3.57 21.40
C PHE A 281 8.96 4.92 20.82
N ARG A 282 10.15 5.41 21.17
CA ARG A 282 10.66 6.63 20.54
C ARG A 282 10.87 6.41 19.04
N LYS A 283 11.32 5.21 18.66
CA LYS A 283 11.44 4.87 17.26
C LYS A 283 10.09 4.89 16.55
N LEU A 284 9.05 4.40 17.24
CA LEU A 284 7.70 4.46 16.67
C LEU A 284 7.25 5.90 16.52
N GLY A 285 7.58 6.76 17.48
CA GLY A 285 7.22 8.16 17.37
C GLY A 285 7.86 8.83 16.18
N LEU A 286 9.14 8.51 15.92
CA LEU A 286 9.80 9.03 14.73
C LEU A 286 9.20 8.45 13.46
N TYR A 287 8.71 7.21 13.50
CA TYR A 287 8.05 6.65 12.34
C TYR A 287 6.78 7.42 12.01
N MET A 288 6.03 7.81 13.03
CA MET A 288 4.84 8.63 12.80
C MET A 288 5.23 9.97 12.18
N ALA A 289 6.31 10.57 12.67
CA ALA A 289 6.76 11.85 12.12
C ALA A 289 7.18 11.70 10.66
N THR A 290 7.87 10.61 10.33
CA THR A 290 8.31 10.42 8.96
C THR A 290 7.13 10.26 8.01
N VAL A 291 6.13 9.47 8.42
CA VAL A 291 4.95 9.29 7.58
C VAL A 291 4.14 10.58 7.50
N LEU A 292 3.97 11.26 8.64
CA LEU A 292 3.19 12.50 8.63
C LEU A 292 3.92 13.61 7.89
N THR A 293 5.25 13.66 8.02
CA THR A 293 6.01 14.68 7.30
C THR A 293 5.92 14.47 5.80
N GLY A 294 5.99 13.22 5.35
CA GLY A 294 5.87 12.94 3.93
C GLY A 294 4.51 13.30 3.36
N LEU A 295 3.45 12.96 4.09
CA LEU A 295 2.10 13.33 3.66
C LEU A 295 1.91 14.83 3.70
N ALA A 296 2.47 15.50 4.71
CA ALA A 296 2.34 16.95 4.80
C ALA A 296 3.03 17.64 3.64
N ILE A 297 4.23 17.18 3.28
CA ILE A 297 4.95 17.79 2.17
C ILE A 297 4.23 17.53 0.86
N HIS A 298 3.74 16.31 0.66
CA HIS A 298 3.03 16.00 -0.58
C HIS A 298 1.73 16.80 -0.70
N SER A 299 0.99 16.93 0.41
CA SER A 299 -0.32 17.56 0.35
C SER A 299 -0.21 19.09 0.25
N ILE A 300 0.77 19.69 0.92
CA ILE A 300 0.83 21.14 1.03
C ILE A 300 1.86 21.79 0.09
N VAL A 301 2.89 21.05 -0.32
CA VAL A 301 3.96 21.61 -1.14
C VAL A 301 3.92 21.04 -2.56
N ILE A 302 4.02 19.72 -2.70
CA ILE A 302 4.25 19.13 -4.01
C ILE A 302 2.99 19.20 -4.86
N LEU A 303 1.89 18.63 -4.36
CA LEU A 303 0.67 18.60 -5.16
C LEU A 303 0.15 19.99 -5.51
N PRO A 304 0.10 20.96 -4.59
CA PRO A 304 -0.27 22.32 -5.00
C PRO A 304 0.65 22.91 -6.06
N LEU A 305 1.96 22.63 -5.97
CA LEU A 305 2.88 23.16 -6.96
C LEU A 305 2.62 22.58 -8.34
N ILE A 306 2.34 21.27 -8.42
CA ILE A 306 2.02 20.65 -9.71
C ILE A 306 0.75 21.25 -10.27
N TYR A 307 -0.25 21.47 -9.42
CA TYR A 307 -1.51 22.07 -9.87
C TYR A 307 -1.29 23.48 -10.42
N PHE A 308 -0.48 24.27 -9.73
CA PHE A 308 -0.33 25.67 -10.13
C PHE A 308 0.42 25.81 -11.45
N ILE A 309 1.50 25.04 -11.62
CA ILE A 309 2.31 25.19 -12.83
C ILE A 309 1.53 24.76 -14.07
N VAL A 310 0.67 23.74 -13.94
CA VAL A 310 -0.12 23.29 -15.08
C VAL A 310 -1.31 24.20 -15.32
N VAL A 311 -2.01 24.59 -14.26
CA VAL A 311 -3.29 25.29 -14.38
C VAL A 311 -3.12 26.79 -14.19
N ARG A 312 -2.02 27.23 -13.59
CA ARG A 312 -1.72 28.64 -13.37
C ARG A 312 -2.78 29.28 -12.49
N LYS A 313 -3.39 28.49 -11.60
CA LYS A 313 -4.42 28.97 -10.68
C LYS A 313 -4.11 28.54 -9.26
N ASN A 314 -4.53 29.37 -8.31
CA ASN A 314 -4.19 29.15 -6.90
C ASN A 314 -4.75 27.81 -6.44
N PRO A 315 -3.90 26.85 -6.05
CA PRO A 315 -4.41 25.52 -5.68
C PRO A 315 -5.15 25.48 -4.35
N PHE A 316 -5.00 26.50 -3.49
CA PHE A 316 -5.64 26.44 -2.18
C PHE A 316 -7.14 26.72 -2.24
N ARG A 317 -7.60 27.51 -3.22
CA ARG A 317 -9.03 27.60 -3.45
C ARG A 317 -9.59 26.28 -3.96
N PHE A 318 -8.83 25.58 -4.80
CA PHE A 318 -9.27 24.27 -5.27
C PHE A 318 -9.35 23.27 -4.12
N ALA A 319 -8.35 23.29 -3.22
CA ALA A 319 -8.38 22.40 -2.07
C ALA A 319 -9.52 22.75 -1.12
N MET A 320 -9.83 24.05 -1.00
CA MET A 320 -10.94 24.45 -0.15
C MET A 320 -12.26 23.93 -0.70
N GLY A 321 -12.38 23.85 -2.02
CA GLY A 321 -13.59 23.32 -2.61
C GLY A 321 -13.78 21.84 -2.33
N MET A 322 -12.69 21.11 -2.10
CA MET A 322 -12.78 19.70 -1.78
C MET A 322 -12.83 19.44 -0.27
N ALA A 323 -13.22 20.45 0.51
CA ALA A 323 -13.18 20.30 1.97
C ALA A 323 -14.07 19.16 2.43
N GLN A 324 -15.30 19.09 1.90
CA GLN A 324 -16.22 18.03 2.33
C GLN A 324 -15.69 16.65 1.97
N ALA A 325 -15.05 16.52 0.80
CA ALA A 325 -14.47 15.24 0.43
C ALA A 325 -13.29 14.88 1.32
N LEU A 326 -12.51 15.88 1.74
CA LEU A 326 -11.36 15.61 2.60
C LEU A 326 -11.80 15.11 3.97
N LEU A 327 -12.80 15.73 4.57
CA LEU A 327 -13.29 15.24 5.87
C LEU A 327 -13.88 13.84 5.73
N THR A 328 -14.64 13.59 4.67
CA THR A 328 -15.19 12.26 4.46
C THR A 328 -14.08 11.22 4.35
N ALA A 329 -12.93 11.60 3.79
CA ALA A 329 -11.78 10.71 3.75
C ALA A 329 -11.18 10.48 5.13
N LEU A 330 -11.27 11.47 6.02
CA LEU A 330 -10.70 11.35 7.35
C LEU A 330 -11.50 10.44 8.27
N MET A 331 -12.70 10.02 7.87
CA MET A 331 -13.50 9.04 8.60
C MET A 331 -13.66 7.71 7.86
N ILE A 332 -14.09 7.76 6.60
CA ILE A 332 -14.30 6.52 5.86
C ILE A 332 -12.97 5.82 5.61
N SER A 333 -11.91 6.58 5.39
CA SER A 333 -10.57 6.01 5.14
C SER A 333 -10.59 5.08 3.93
N SER A 334 -11.32 5.47 2.89
CA SER A 334 -11.36 4.70 1.65
C SER A 334 -11.56 5.66 0.50
N SER A 335 -10.64 5.67 -0.46
CA SER A 335 -10.77 6.56 -1.61
C SER A 335 -11.95 6.17 -2.48
N SER A 336 -12.17 4.87 -2.68
CA SER A 336 -13.29 4.44 -3.51
C SER A 336 -14.62 4.81 -2.88
N ALA A 337 -14.75 4.67 -1.56
CA ALA A 337 -16.01 5.02 -0.90
C ALA A 337 -16.22 6.53 -0.80
N THR A 338 -15.17 7.32 -0.97
CA THR A 338 -15.28 8.77 -0.95
C THR A 338 -15.59 9.34 -2.34
N LEU A 339 -15.67 8.50 -3.36
CA LEU A 339 -15.87 9.01 -4.72
C LEU A 339 -17.14 9.83 -4.86
N PRO A 340 -18.29 9.42 -4.33
CA PRO A 340 -19.50 10.26 -4.48
C PRO A 340 -19.34 11.66 -3.91
N VAL A 341 -18.65 11.81 -2.78
CA VAL A 341 -18.39 13.15 -2.25
C VAL A 341 -17.37 13.87 -3.10
N THR A 342 -16.35 13.15 -3.56
CA THR A 342 -15.34 13.78 -4.41
C THR A 342 -15.95 14.25 -5.73
N PHE A 343 -16.85 13.47 -6.30
CA PHE A 343 -17.49 13.86 -7.54
C PHE A 343 -18.29 15.15 -7.38
N ARG A 344 -19.07 15.27 -6.30
CA ARG A 344 -19.87 16.48 -6.12
C ARG A 344 -18.96 17.68 -5.89
N CYS A 345 -17.98 17.53 -4.99
CA CYS A 345 -17.12 18.66 -4.66
C CYS A 345 -16.30 19.10 -5.87
N ALA A 346 -15.84 18.14 -6.67
CA ALA A 346 -15.04 18.50 -7.83
C ALA A 346 -15.89 19.17 -8.91
N GLU A 347 -17.16 18.75 -9.02
CA GLU A 347 -17.99 19.15 -10.15
C GLU A 347 -18.65 20.51 -9.92
N GLU A 348 -19.32 20.69 -8.79
CA GLU A 348 -20.04 21.94 -8.55
C GLU A 348 -19.23 22.98 -7.77
N ASN A 349 -18.48 22.55 -6.74
CA ASN A 349 -17.69 23.51 -5.96
C ASN A 349 -16.53 24.06 -6.77
N ASN A 350 -15.77 23.18 -7.42
CA ASN A 350 -14.58 23.58 -8.17
C ASN A 350 -14.86 23.79 -9.65
N GLN A 351 -16.09 23.53 -10.11
CA GLN A 351 -16.48 23.78 -11.49
C GLN A 351 -15.58 23.03 -12.48
N VAL A 352 -15.18 21.82 -12.08
CA VAL A 352 -14.43 20.94 -12.96
C VAL A 352 -15.43 20.19 -13.84
N ASP A 353 -15.09 20.04 -15.12
CA ASP A 353 -16.03 19.45 -16.07
C ASP A 353 -16.43 18.05 -15.64
N LYS A 354 -17.72 17.73 -15.82
CA LYS A 354 -18.24 16.45 -15.40
C LYS A 354 -17.65 15.32 -16.23
N ARG A 355 -17.39 15.56 -17.51
CA ARG A 355 -16.88 14.53 -18.40
C ARG A 355 -15.52 14.01 -17.96
N ILE A 356 -14.77 14.79 -17.19
CA ILE A 356 -13.41 14.45 -16.81
C ILE A 356 -13.33 13.86 -15.41
N THR A 357 -14.18 14.32 -14.49
CA THR A 357 -14.20 13.73 -13.17
C THR A 357 -14.58 12.26 -13.22
N ARG A 358 -15.55 11.92 -14.08
CA ARG A 358 -15.96 10.53 -14.20
C ARG A 358 -14.87 9.62 -14.73
N PHE A 359 -13.83 10.17 -15.36
CA PHE A 359 -12.70 9.39 -15.85
C PHE A 359 -11.50 9.44 -14.91
N VAL A 360 -11.06 10.63 -14.52
CA VAL A 360 -9.82 10.77 -13.76
C VAL A 360 -9.98 10.19 -12.36
N LEU A 361 -11.07 10.51 -11.68
CA LEU A 361 -11.23 10.10 -10.29
C LEU A 361 -11.26 8.58 -10.13
N PRO A 362 -12.05 7.82 -10.90
CA PRO A 362 -11.96 6.35 -10.78
C PRO A 362 -10.58 5.81 -11.10
N VAL A 363 -9.85 6.42 -12.04
CA VAL A 363 -8.50 5.98 -12.34
C VAL A 363 -7.60 6.18 -11.12
N GLY A 364 -7.72 7.33 -10.45
CA GLY A 364 -6.94 7.59 -9.26
C GLY A 364 -7.31 6.73 -8.07
N ALA A 365 -8.52 6.19 -8.07
CA ALA A 365 -8.96 5.34 -6.96
C ALA A 365 -8.21 4.02 -6.90
N THR A 366 -7.44 3.68 -7.93
CA THR A 366 -6.74 2.40 -7.96
C THR A 366 -5.24 2.55 -8.18
N ILE A 367 -4.80 3.56 -8.93
CA ILE A 367 -3.39 3.70 -9.27
C ILE A 367 -2.78 4.96 -8.66
N ASN A 368 -3.42 5.55 -7.66
CA ASN A 368 -2.85 6.68 -6.94
C ASN A 368 -2.06 6.14 -5.76
N MET A 369 -0.77 5.91 -5.97
CA MET A 369 0.09 5.29 -4.98
C MET A 369 0.96 6.30 -4.25
N ASP A 370 0.52 7.55 -4.18
CA ASP A 370 1.27 8.55 -3.43
C ASP A 370 1.21 8.24 -1.95
N GLY A 371 0.02 7.85 -1.47
CA GLY A 371 -0.12 7.48 -0.07
C GLY A 371 0.63 6.21 0.27
N THR A 372 0.60 5.23 -0.63
CA THR A 372 1.33 3.99 -0.40
C THR A 372 2.83 4.26 -0.36
N ALA A 373 3.32 5.12 -1.25
CA ALA A 373 4.75 5.42 -1.27
C ALA A 373 5.17 6.09 0.02
N LEU A 374 4.35 7.00 0.54
CA LEU A 374 4.68 7.75 1.74
C LEU A 374 4.29 7.03 3.02
N TYR A 375 3.48 5.97 2.94
CA TYR A 375 3.03 5.27 4.13
C TYR A 375 3.52 3.82 4.19
N GLU A 376 3.21 2.99 3.19
CA GLU A 376 3.59 1.58 3.26
C GLU A 376 5.08 1.39 3.02
N ALA A 377 5.63 2.07 2.01
CA ALA A 377 7.05 1.95 1.72
C ALA A 377 7.88 2.51 2.86
N VAL A 378 7.45 3.62 3.45
CA VAL A 378 8.16 4.18 4.59
C VAL A 378 8.11 3.22 5.76
N ALA A 379 6.95 2.61 5.99
CA ALA A 379 6.81 1.65 7.08
C ALA A 379 7.71 0.44 6.86
N ALA A 380 7.76 -0.07 5.63
CA ALA A 380 8.58 -1.25 5.35
C ALA A 380 10.06 -0.95 5.54
N VAL A 381 10.51 0.22 5.10
CA VAL A 381 11.91 0.61 5.32
C VAL A 381 12.15 0.84 6.81
N PHE A 382 11.15 1.37 7.51
CA PHE A 382 11.28 1.55 8.96
C PHE A 382 11.42 0.20 9.66
N ILE A 383 10.66 -0.81 9.23
CA ILE A 383 10.83 -2.14 9.79
C ILE A 383 12.20 -2.70 9.45
N ALA A 384 12.67 -2.45 8.22
CA ALA A 384 14.00 -2.93 7.85
C ALA A 384 15.07 -2.30 8.72
N GLN A 385 14.95 -1.00 9.00
CA GLN A 385 15.89 -0.35 9.90
C GLN A 385 15.77 -0.87 11.33
N LEU A 386 14.58 -1.32 11.73
CA LEU A 386 14.41 -1.89 13.06
C LEU A 386 15.22 -3.17 13.22
N ASN A 387 15.22 -4.00 12.17
CA ASN A 387 15.92 -5.32 12.24
C ASN A 387 17.41 -5.11 11.99
N ASP A 388 17.90 -3.89 12.20
CA ASP A 388 19.35 -3.60 12.03
C ASP A 388 19.79 -3.98 10.62
N LEU A 389 18.89 -3.85 9.65
CA LEU A 389 19.25 -4.13 8.23
C LEU A 389 19.60 -2.81 7.56
N ASP A 390 20.86 -2.64 7.14
CA ASP A 390 21.26 -1.39 6.42
C ASP A 390 21.04 -1.62 4.92
N LEU A 391 19.79 -1.49 4.46
CA LEU A 391 19.48 -1.73 3.03
C LEU A 391 19.99 -0.56 2.20
N GLY A 392 20.40 -0.83 0.95
CA GLY A 392 20.94 0.24 0.08
C GLY A 392 19.91 0.76 -0.91
N ILE A 393 20.34 1.55 -1.88
CA ILE A 393 19.42 2.17 -2.83
C ILE A 393 18.70 1.09 -3.63
N GLY A 394 19.41 0.04 -4.03
CA GLY A 394 18.76 -1.05 -4.73
C GLY A 394 17.72 -1.76 -3.89
N GLN A 395 18.01 -1.98 -2.60
CA GLN A 395 17.05 -2.68 -1.76
C GLN A 395 15.89 -1.77 -1.37
N ILE A 396 16.16 -0.49 -1.14
CA ILE A 396 15.08 0.43 -0.80
C ILE A 396 14.12 0.58 -1.97
N ILE A 397 14.66 0.69 -3.18
CA ILE A 397 13.80 0.78 -4.36
C ILE A 397 12.98 -0.50 -4.52
N THR A 398 13.58 -1.64 -4.19
CA THR A 398 12.85 -2.90 -4.23
C THR A 398 11.66 -2.86 -3.26
N ILE A 399 11.87 -2.32 -2.07
CA ILE A 399 10.78 -2.25 -1.09
C ILE A 399 9.67 -1.34 -1.60
N SER A 400 10.04 -0.18 -2.14
CA SER A 400 9.05 0.78 -2.59
C SER A 400 8.23 0.24 -3.75
N ILE A 401 8.89 -0.43 -4.70
CA ILE A 401 8.17 -1.01 -5.84
C ILE A 401 7.29 -2.16 -5.39
N THR A 402 7.79 -2.96 -4.43
CA THR A 402 6.98 -4.04 -3.89
C THR A 402 5.77 -3.49 -3.15
N ALA A 403 5.93 -2.37 -2.46
CA ALA A 403 4.81 -1.78 -1.72
C ALA A 403 3.69 -1.35 -2.65
N THR A 404 4.02 -0.73 -3.77
CA THR A 404 2.99 -0.30 -4.71
C THR A 404 2.37 -1.49 -5.41
N SER A 405 3.16 -2.53 -5.70
CA SER A 405 2.59 -3.74 -6.27
C SER A 405 1.69 -4.45 -5.27
N ALA A 406 2.06 -4.42 -3.99
CA ALA A 406 1.21 -5.02 -2.97
C ALA A 406 -0.10 -4.26 -2.84
N SER A 407 -0.05 -2.93 -2.94
CA SER A 407 -1.26 -2.12 -2.81
C SER A 407 -2.24 -2.39 -3.94
N ILE A 408 -1.74 -2.49 -5.17
CA ILE A 408 -2.63 -2.76 -6.30
C ILE A 408 -3.19 -4.17 -6.19
N GLY A 409 -2.49 -5.06 -5.49
CA GLY A 409 -2.98 -6.43 -5.27
C GLY A 409 -4.05 -6.46 -4.18
N ALA A 410 -3.82 -5.77 -3.06
CA ALA A 410 -4.84 -5.67 -1.99
C ALA A 410 -5.58 -4.34 -2.14
N ALA A 411 -6.46 -4.21 -3.14
CA ALA A 411 -7.12 -2.91 -3.40
C ALA A 411 -8.39 -2.77 -2.55
N GLY A 412 -9.48 -3.47 -2.94
CA GLY A 412 -10.76 -3.35 -2.21
C GLY A 412 -10.80 -4.32 -1.04
N VAL A 413 -9.83 -4.21 -0.12
CA VAL A 413 -9.74 -5.18 1.01
C VAL A 413 -9.92 -4.42 2.33
N PRO A 414 -10.72 -4.91 3.30
CA PRO A 414 -10.81 -4.26 4.61
C PRO A 414 -9.43 -4.32 5.28
N GLN A 415 -9.06 -3.27 6.02
CA GLN A 415 -7.71 -3.22 6.65
C GLN A 415 -6.64 -3.38 5.56
N ALA A 416 -6.81 -2.70 4.43
CA ALA A 416 -5.85 -2.82 3.31
C ALA A 416 -4.45 -2.44 3.80
N GLY A 417 -4.34 -1.37 4.59
CA GLY A 417 -3.03 -0.97 5.15
C GLY A 417 -2.35 -2.13 5.84
N LEU A 418 -3.09 -2.91 6.65
CA LEU A 418 -2.52 -4.07 7.30
C LEU A 418 -2.20 -5.16 6.29
N VAL A 419 -3.12 -5.45 5.38
CA VAL A 419 -2.90 -6.53 4.43
C VAL A 419 -1.76 -6.18 3.50
N THR A 420 -1.69 -4.93 3.05
CA THR A 420 -0.59 -4.51 2.20
C THR A 420 0.74 -4.65 2.92
N MET A 421 0.79 -4.26 4.19
CA MET A 421 2.05 -4.36 4.92
C MET A 421 2.49 -5.81 5.06
N VAL A 422 1.56 -6.72 5.30
CA VAL A 422 1.90 -8.14 5.41
C VAL A 422 2.45 -8.65 4.07
N ILE A 423 1.86 -8.19 2.96
CA ILE A 423 2.36 -8.61 1.65
C ILE A 423 3.77 -8.10 1.42
N VAL A 424 4.03 -6.84 1.77
CA VAL A 424 5.34 -6.26 1.52
C VAL A 424 6.42 -6.96 2.36
N LEU A 425 6.13 -7.17 3.64
CA LEU A 425 7.13 -7.80 4.51
C LEU A 425 7.40 -9.23 4.09
N SER A 426 6.36 -9.95 3.67
CA SER A 426 6.54 -11.31 3.18
C SER A 426 7.36 -11.35 1.89
N ALA A 427 7.11 -10.40 0.98
CA ALA A 427 7.79 -10.39 -0.31
C ALA A 427 9.18 -9.77 -0.25
N VAL A 428 9.57 -9.20 0.89
CA VAL A 428 10.87 -8.57 1.03
C VAL A 428 11.80 -9.37 1.92
N GLY A 429 11.28 -10.11 2.90
CA GLY A 429 12.07 -10.89 3.82
C GLY A 429 12.02 -10.39 5.24
N LEU A 430 11.44 -9.23 5.48
CA LEU A 430 11.30 -8.74 6.84
C LEU A 430 10.23 -9.55 7.59
N PRO A 431 10.36 -9.68 8.91
CA PRO A 431 9.33 -10.42 9.66
C PRO A 431 7.98 -9.76 9.57
N ALA A 432 6.96 -10.55 9.20
CA ALA A 432 5.61 -10.01 9.10
C ALA A 432 5.02 -9.74 10.48
N GLU A 433 5.56 -10.37 11.53
CA GLU A 433 5.12 -10.13 12.90
C GLU A 433 5.59 -8.78 13.40
N ASP A 434 6.52 -8.12 12.70
CA ASP A 434 6.96 -6.79 13.07
C ASP A 434 5.92 -5.72 12.74
N VAL A 435 4.84 -6.10 12.03
CA VAL A 435 3.82 -5.14 11.64
C VAL A 435 2.99 -4.66 12.82
N THR A 436 3.17 -5.25 14.00
CA THR A 436 2.32 -4.88 15.14
C THR A 436 2.49 -3.41 15.50
N LEU A 437 3.70 -2.89 15.37
CA LEU A 437 3.93 -1.47 15.62
C LEU A 437 3.19 -0.59 14.62
N ILE A 438 3.05 -1.05 13.37
CA ILE A 438 2.29 -0.31 12.38
C ILE A 438 0.81 -0.33 12.74
N ILE A 439 0.34 -1.46 13.24
CA ILE A 439 -1.09 -1.63 13.53
C ILE A 439 -1.53 -0.67 14.62
N ALA A 440 -0.67 -0.42 15.61
CA ALA A 440 -1.05 0.43 16.72
C ALA A 440 -1.38 1.85 16.24
N VAL A 441 -0.81 2.27 15.11
CA VAL A 441 -1.08 3.57 14.53
C VAL A 441 -1.63 3.46 13.11
N ASP A 442 -1.92 2.25 12.64
CA ASP A 442 -2.41 2.09 11.27
C ASP A 442 -3.76 2.78 11.10
N TRP A 443 -4.60 2.74 12.13
CA TRP A 443 -5.89 3.42 12.04
C TRP A 443 -5.70 4.92 11.86
N LEU A 444 -4.75 5.51 12.59
CA LEU A 444 -4.52 6.95 12.50
C LEU A 444 -3.83 7.33 11.19
N LEU A 445 -2.80 6.57 10.80
CA LEU A 445 -2.01 6.97 9.64
C LEU A 445 -2.75 6.68 8.34
N ASP A 446 -3.57 5.62 8.31
CA ASP A 446 -4.33 5.32 7.10
C ASP A 446 -5.40 6.36 6.81
N ARG A 447 -5.96 6.99 7.85
CA ARG A 447 -6.93 8.05 7.63
C ARG A 447 -6.31 9.22 6.88
N PHE A 448 -5.11 9.64 7.30
CA PHE A 448 -4.41 10.72 6.60
C PHE A 448 -3.91 10.29 5.24
N ARG A 449 -3.51 9.04 5.09
CA ARG A 449 -3.07 8.57 3.78
C ARG A 449 -4.21 8.65 2.76
N THR A 450 -5.41 8.25 3.17
CA THR A 450 -6.56 8.33 2.28
C THR A 450 -6.90 9.78 1.96
N MET A 451 -6.77 10.69 2.93
CA MET A 451 -7.05 12.10 2.68
C MET A 451 -6.13 12.67 1.62
N VAL A 452 -4.85 12.31 1.66
CA VAL A 452 -3.90 12.79 0.66
C VAL A 452 -4.21 12.18 -0.70
N ASN A 453 -4.61 10.91 -0.73
CA ASN A 453 -4.97 10.28 -2.00
C ASN A 453 -6.17 10.95 -2.62
N VAL A 454 -7.17 11.31 -1.82
CA VAL A 454 -8.33 12.04 -2.33
C VAL A 454 -7.91 13.41 -2.85
N LEU A 455 -7.05 14.11 -2.11
CA LEU A 455 -6.56 15.40 -2.57
C LEU A 455 -5.75 15.26 -3.85
N GLY A 456 -4.98 14.20 -3.97
CA GLY A 456 -4.24 13.96 -5.19
C GLY A 456 -5.15 13.71 -6.38
N ASP A 457 -6.17 12.88 -6.19
CA ASP A 457 -7.14 12.63 -7.26
C ASP A 457 -7.91 13.90 -7.62
N ALA A 458 -8.26 14.71 -6.62
CA ALA A 458 -8.99 15.93 -6.90
C ALA A 458 -8.16 16.89 -7.74
N PHE A 459 -6.88 17.05 -7.39
CA PHE A 459 -6.00 17.90 -8.19
C PHE A 459 -5.83 17.35 -9.60
N GLY A 460 -5.87 16.02 -9.75
CA GLY A 460 -5.70 15.44 -11.08
C GLY A 460 -6.80 15.85 -12.04
N THR A 461 -8.03 15.96 -11.53
CA THR A 461 -9.14 16.34 -12.39
C THR A 461 -8.94 17.74 -12.94
N GLY A 462 -8.49 18.68 -12.10
CA GLY A 462 -8.19 20.01 -12.59
C GLY A 462 -7.00 20.02 -13.54
N ILE A 463 -5.98 19.21 -13.24
CA ILE A 463 -4.79 19.17 -14.09
C ILE A 463 -5.11 18.53 -15.43
N VAL A 464 -5.85 17.43 -15.43
CA VAL A 464 -6.21 16.78 -16.68
C VAL A 464 -7.14 17.68 -17.50
N GLU A 465 -8.02 18.42 -16.82
CA GLU A 465 -8.94 19.30 -17.53
C GLU A 465 -8.20 20.41 -18.26
N LYS A 466 -7.16 20.97 -17.64
CA LYS A 466 -6.41 22.04 -18.30
C LYS A 466 -5.74 21.52 -19.57
N LEU A 467 -5.18 20.32 -19.52
CA LEU A 467 -4.54 19.73 -20.69
C LEU A 467 -5.53 19.19 -21.71
N SER A 468 -6.80 19.03 -21.34
CA SER A 468 -7.81 18.50 -22.24
C SER A 468 -8.79 19.58 -22.72
N LYS A 469 -8.38 20.85 -22.69
CA LYS A 469 -9.28 21.91 -23.12
C LYS A 469 -9.69 21.74 -24.58
N LYS A 470 -8.73 21.41 -25.46
CA LYS A 470 -9.05 21.27 -26.87
C LYS A 470 -9.96 20.08 -27.12
N GLU A 471 -9.72 18.96 -26.44
CA GLU A 471 -10.55 17.78 -26.63
C GLU A 471 -11.97 18.03 -26.15
N LEU A 472 -12.15 18.73 -25.04
CA LEU A 472 -13.48 19.06 -24.56
C LEU A 472 -14.20 20.04 -25.48
N GLU A 473 -13.48 20.71 -26.37
CA GLU A 473 -14.10 21.64 -27.31
C GLU A 473 -14.73 20.95 -28.50
N GLN A 474 -14.54 19.64 -28.66
CA GLN A 474 -15.17 18.88 -29.73
C GLN A 474 -15.87 17.65 -29.19
C10 A1CG9 B . 3.21 2.49 -9.42
C13 A1CG9 B . 0.04 0.61 -9.27
C17 A1CG9 B . 5.22 3.20 -8.94
C20 A1CG9 B . 7.28 4.50 -8.99
C21 A1CG9 B . 6.72 5.29 -10.04
C22 A1CG9 B . 5.48 5.05 -10.52
C01 A1CG9 B . 0.50 5.15 -13.06
C02 A1CG9 B . 1.72 4.44 -13.55
C03 A1CG9 B . 1.87 4.26 -14.92
C04 A1CG9 B . 2.98 3.62 -15.45
C05 A1CG9 B . 3.96 3.14 -14.60
C06 A1CG9 B . 3.83 3.31 -13.23
C07 A1CG9 B . 2.72 3.97 -12.67
C09 A1CG9 B . 3.43 3.56 -10.30
C11 A1CG9 B . 2.03 1.63 -9.29
C12 A1CG9 B . 0.72 1.79 -9.67
C14 A1CG9 B . 0.98 -0.19 -8.67
C18 A1CG9 B . 6.53 3.48 -8.47
N08 A1CG9 B . 2.61 4.13 -11.28
N16 A1CG9 B . 4.30 2.26 -8.59
N23 A1CG9 B . 4.72 4.01 -9.99
O15 A1CG9 B . 2.21 0.42 -8.67
BR19 A1CG9 B . 7.27 2.41 -7.05
C01 9Z9 C . 0.94 -2.31 -14.19
C02 9Z9 C . 0.71 -1.44 -12.96
C03 9Z9 C . 1.99 -1.27 -12.09
C04 9Z9 C . 2.65 0.01 -12.64
C05 9Z9 C . 1.79 0.52 -13.79
C06 9Z9 C . 0.43 0.03 -13.30
C07 9Z9 C . -0.81 0.24 -14.16
C08 9Z9 C . -2.02 -0.40 -13.46
C09 9Z9 C . -1.73 -1.85 -13.05
C10 9Z9 C . -0.48 -1.94 -12.18
C11 9Z9 C . -3.28 -0.26 -14.36
C12 9Z9 C . -3.19 -1.19 -15.58
C13 9Z9 C . -3.42 1.13 -14.86
C14 9Z9 C . -2.43 2.03 -14.84
C15 9Z9 C . -1.07 1.73 -14.33
C16 9Z9 C . -4.75 1.54 -15.39
C17 9Z9 C . -5.82 1.26 -14.35
C18 9Z9 C . -5.85 -0.25 -14.10
C19 9Z9 C . -4.51 -0.66 -13.50
O20 9Z9 C . -7.08 1.63 -14.89
C21 9Z9 C . -8.11 1.70 -13.93
C22 9Z9 C . -9.31 2.46 -14.48
C23 9Z9 C . -10.67 2.09 -13.83
C24 9Z9 C . -10.59 1.83 -12.31
O25 9Z9 C . -11.75 1.11 -11.95
C26 9Z9 C . -12.03 1.21 -10.58
C48 9Z9 C . -11.66 3.26 -14.06
O49 9Z9 C . -11.98 3.24 -15.45
C50 9Z9 C . -13.18 3.90 -15.71
O72 9Z9 C . 3.94 -0.38 -13.09
C73 9Z9 C . 4.35 -1.43 -12.24
C74 9Z9 C . 3.10 -2.32 -12.11
C75 9Z9 C . 3.08 -3.21 -10.90
C76 9Z9 C . 5.52 -2.15 -12.88
C77 9Z9 C . 6.72 -1.22 -12.98
C78 9Z9 C . 7.01 -0.58 -11.62
C79 9Z9 C . 5.76 0.06 -11.01
O80 9Z9 C . 4.63 -0.74 -11.04
C81 9Z9 C . 8.11 0.47 -11.74
C1 CLR D . -3.16 1.41 -21.48
C2 CLR D . -4.57 1.17 -21.99
C3 CLR D . -4.92 -0.28 -22.05
C4 CLR D . -4.78 -0.85 -20.63
C5 CLR D . -3.40 -0.68 -20.05
C6 CLR D . -2.81 -1.75 -19.54
C7 CLR D . -1.42 -1.74 -18.89
C8 CLR D . -0.77 -0.36 -18.91
C9 CLR D . -1.23 0.48 -20.15
C10 CLR D . -2.76 0.71 -20.16
C11 CLR D . -0.38 1.76 -20.33
C12 CLR D . 1.15 1.52 -20.22
C13 CLR D . 1.47 0.82 -18.89
C14 CLR D . 0.70 -0.54 -18.99
C15 CLR D . 1.35 -1.47 -17.91
C16 CLR D . 2.78 -0.84 -17.68
C17 CLR D . 2.95 0.26 -18.79
C18 CLR D . 1.09 1.64 -17.68
C19 CLR D . -3.19 1.56 -18.95
C20 CLR D . 4.03 1.28 -18.41
C21 CLR D . 4.55 2.10 -19.60
C22 CLR D . 5.26 0.46 -17.85
C23 CLR D . 6.45 1.37 -17.53
C24 CLR D . 7.31 0.54 -16.51
C25 CLR D . 8.32 1.47 -15.81
C26 CLR D . 7.51 2.36 -14.85
C27 CLR D . 9.21 2.25 -16.78
O1 CLR D . -6.21 -0.56 -22.56
C1 CLR E . -0.92 -6.66 -27.38
C2 CLR E . -2.03 -7.18 -28.27
C3 CLR E . -2.73 -8.37 -27.71
C4 CLR E . -3.30 -8.00 -26.33
C5 CLR E . -2.25 -7.49 -25.37
C6 CLR E . -2.25 -8.00 -24.15
C7 CLR E . -1.24 -7.58 -23.05
C8 CLR E . -0.30 -6.46 -23.51
C9 CLR E . 0.01 -6.58 -25.03
C10 CLR E . -1.27 -6.43 -25.90
C11 CLR E . 1.16 -5.66 -25.45
C12 CLR E . 2.40 -5.79 -24.57
C13 CLR E . 2.04 -5.48 -23.11
C14 CLR E . 0.97 -6.58 -22.74
C15 CLR E . 0.86 -6.47 -21.18
C16 CLR E . 2.29 -5.99 -20.74
C17 CLR E . 3.15 -5.87 -22.05
C18 CLR E . 1.52 -4.09 -22.90
C19 CLR E . -1.89 -5.03 -25.70
C20 CLR E . 4.28 -4.85 -21.85
C21 CLR E . 5.27 -4.78 -23.01
C22 CLR E . 5.08 -5.40 -20.61
C23 CLR E . 5.00 -4.45 -19.42
C24 CLR E . 5.75 -5.20 -18.26
C25 CLR E . 6.65 -4.27 -17.41
C26 CLR E . 7.63 -3.49 -18.31
C27 CLR E . 5.84 -3.35 -16.50
O1 CLR E . -3.76 -8.88 -28.54
#